data_8JIY
#
_entry.id   8JIY
#
_cell.length_a   56.313
_cell.length_b   56.634
_cell.length_c   69.456
_cell.angle_alpha   90.00
_cell.angle_beta   90.00
_cell.angle_gamma   90.00
#
_symmetry.space_group_name_H-M   'P 21 21 21'
#
loop_
_entity.id
_entity.type
_entity.pdbx_description
1 polymer 'DUF4955 domain-containing protein'
2 water water
#
_entity_poly.entity_id   1
_entity_poly.type   'polypeptide(L)'
_entity_poly.pdbx_seq_one_letter_code
;MGTLTNPFYPIFYYEDFGAVNQGYSVQIVKNTNSQNEAQIGKRVNDIPDAADSNNEFTEARPANRIPANSARNQKAIAIV
GTSSNTNYELEAWVTMPIIDVSKNNQYINADDTFKYVSFWTEQRYANGGISSLEVFISTDYTNNVTTANWTNVTSNVNKI
ATSGQNPQTYVESLLDISSYTDTNFTLAFKYTSDNSTYSGSNRNGTFYISDVKYFVSDTTLSNTSFIIEDTIKLEHHHHH
H
;
_entity_poly.pdbx_strand_id   A
#
# COMPACT_ATOMS: atom_id res chain seq x y z
N ASN A 6 14.82 -20.39 -0.95
CA ASN A 6 13.81 -19.73 -0.13
C ASN A 6 12.74 -20.71 0.32
N PRO A 7 12.65 -20.95 1.63
CA PRO A 7 11.56 -21.80 2.14
C PRO A 7 10.18 -21.30 1.80
N PHE A 8 10.02 -19.99 1.60
CA PHE A 8 8.73 -19.36 1.38
C PHE A 8 8.42 -19.13 -0.09
N TYR A 9 9.28 -19.61 -0.99
CA TYR A 9 9.21 -19.39 -2.44
C TYR A 9 7.78 -19.45 -2.95
N PRO A 10 7.36 -18.50 -3.80
CA PRO A 10 8.16 -17.41 -4.39
C PRO A 10 8.13 -16.11 -3.57
N ILE A 11 7.54 -16.09 -2.38
CA ILE A 11 7.35 -14.87 -1.61
C ILE A 11 8.59 -14.61 -0.74
N PHE A 12 9.13 -13.38 -0.78
CA PHE A 12 10.20 -13.04 0.15
C PHE A 12 9.81 -11.97 1.17
N TYR A 13 8.67 -11.31 1.01
CA TYR A 13 8.18 -10.44 2.07
C TYR A 13 6.66 -10.34 1.96
N TYR A 14 5.97 -10.55 3.07
CA TYR A 14 4.50 -10.47 3.09
C TYR A 14 4.06 -10.38 4.55
N GLU A 15 3.91 -9.15 5.05
CA GLU A 15 3.51 -8.93 6.43
C GLU A 15 1.99 -8.91 6.53
N ASP A 16 1.46 -8.73 7.74
CA ASP A 16 0.02 -8.75 7.95
C ASP A 16 -0.58 -7.46 8.48
N PHE A 17 0.22 -6.41 8.73
CA PHE A 17 -0.28 -5.18 9.35
C PHE A 17 -1.08 -5.49 10.63
N GLY A 18 -0.69 -6.53 11.35
CA GLY A 18 -1.52 -7.07 12.42
C GLY A 18 -1.38 -6.39 13.75
N ALA A 19 -0.39 -5.51 13.88
CA ALA A 19 -0.19 -4.72 15.07
C ALA A 19 0.32 -3.36 14.62
N VAL A 20 0.33 -2.41 15.54
CA VAL A 20 0.79 -1.07 15.20
C VAL A 20 2.24 -1.16 14.71
N ASN A 21 2.48 -0.66 13.49
CA ASN A 21 3.79 -0.63 12.84
C ASN A 21 4.37 -2.01 12.53
N GLN A 22 3.53 -3.04 12.37
CA GLN A 22 4.01 -4.37 11.99
C GLN A 22 3.95 -4.51 10.48
N GLY A 23 5.09 -4.28 9.82
CA GLY A 23 5.17 -4.27 8.38
C GLY A 23 4.85 -2.95 7.71
N TYR A 24 4.67 -1.88 8.46
CA TYR A 24 4.35 -0.58 7.87
C TYR A 24 4.66 0.50 8.89
N SER A 25 4.62 1.75 8.44
CA SER A 25 4.67 2.86 9.38
C SER A 25 3.92 4.00 8.72
N VAL A 26 3.49 4.98 9.52
CA VAL A 26 2.70 6.08 9.00
C VAL A 26 3.37 7.40 9.38
N GLN A 27 3.38 8.34 8.43
CA GLN A 27 3.86 9.70 8.72
C GLN A 27 2.86 10.69 8.14
N ILE A 28 2.35 11.59 8.97
CA ILE A 28 1.30 12.53 8.57
C ILE A 28 1.97 13.89 8.37
N VAL A 29 2.32 14.19 7.12
CA VAL A 29 3.09 15.40 6.81
C VAL A 29 2.21 16.65 6.77
N LYS A 30 0.92 16.49 6.46
CA LYS A 30 0.01 17.63 6.41
C LYS A 30 -1.35 17.17 6.91
N ASN A 31 -1.96 17.98 7.77
CA ASN A 31 -3.28 17.72 8.37
C ASN A 31 -3.93 19.06 8.69
N THR A 32 -4.16 19.83 7.61
CA THR A 32 -4.52 21.25 7.74
C THR A 32 -5.78 21.45 8.57
N ASN A 33 -6.74 20.54 8.44
CA ASN A 33 -8.05 20.74 9.03
C ASN A 33 -8.28 19.83 10.23
N SER A 34 -7.21 19.24 10.77
CA SER A 34 -7.24 18.53 12.04
C SER A 34 -8.19 17.33 12.03
N GLN A 35 -8.10 16.50 10.99
CA GLN A 35 -8.69 15.17 11.08
C GLN A 35 -8.05 14.42 12.25
N ASN A 36 -8.86 13.67 12.99
CA ASN A 36 -8.32 12.90 14.11
C ASN A 36 -7.32 11.87 13.59
N GLU A 37 -6.17 11.78 14.26
CA GLU A 37 -5.10 10.91 13.78
C GLU A 37 -5.48 9.43 13.85
N ALA A 38 -6.44 9.08 14.72
CA ALA A 38 -6.90 7.71 14.81
C ALA A 38 -7.60 7.26 13.54
N GLN A 39 -7.92 8.20 12.65
CA GLN A 39 -8.53 7.90 11.37
C GLN A 39 -7.53 7.93 10.23
N ILE A 40 -6.24 8.15 10.50
CA ILE A 40 -5.22 8.32 9.46
C ILE A 40 -4.20 7.21 9.62
N GLY A 41 -4.28 6.18 8.78
CA GLY A 41 -3.40 5.03 8.93
C GLY A 41 -3.85 4.03 9.97
N LYS A 42 -5.14 3.93 10.22
CA LYS A 42 -5.66 2.98 11.19
C LYS A 42 -5.77 1.59 10.57
N ARG A 43 -5.73 0.59 11.44
CA ARG A 43 -5.86 -0.79 11.00
C ARG A 43 -7.33 -1.16 11.04
N VAL A 44 -7.82 -1.80 9.96
CA VAL A 44 -9.23 -2.17 9.86
C VAL A 44 -9.33 -3.64 9.47
N ASN A 45 -10.49 -4.23 9.79
CA ASN A 45 -10.73 -5.62 9.47
C ASN A 45 -11.14 -5.84 8.02
N ASP A 46 -11.54 -4.79 7.31
CA ASP A 46 -12.02 -4.93 5.93
C ASP A 46 -10.84 -5.13 5.01
N ILE A 47 -10.54 -6.40 4.75
CA ILE A 47 -9.48 -6.83 3.85
C ILE A 47 -10.08 -7.42 2.60
N PRO A 48 -9.32 -7.55 1.51
CA PRO A 48 -9.86 -8.13 0.28
C PRO A 48 -10.38 -9.55 0.51
N ASP A 49 -11.50 -9.84 -0.13
CA ASP A 49 -12.08 -11.18 -0.21
C ASP A 49 -12.77 -11.30 -1.55
N ALA A 50 -13.32 -12.48 -1.84
CA ALA A 50 -13.99 -12.66 -3.12
C ALA A 50 -15.14 -11.68 -3.31
N ALA A 51 -15.93 -11.44 -2.26
CA ALA A 51 -17.14 -10.64 -2.39
C ALA A 51 -16.88 -9.14 -2.56
N ASP A 52 -15.70 -8.65 -2.19
CA ASP A 52 -15.43 -7.21 -2.32
C ASP A 52 -14.30 -6.89 -3.28
N SER A 53 -13.88 -7.86 -4.11
CA SER A 53 -12.79 -7.68 -5.05
C SER A 53 -13.20 -8.01 -6.48
N ASN A 54 -14.51 -8.04 -6.75
CA ASN A 54 -15.03 -8.60 -8.01
C ASN A 54 -14.50 -10.02 -8.22
N ASN A 55 -14.52 -10.81 -7.14
CA ASN A 55 -14.02 -12.19 -7.16
C ASN A 55 -12.63 -12.31 -7.78
N GLU A 56 -11.77 -11.30 -7.59
CA GLU A 56 -10.37 -11.45 -8.00
C GLU A 56 -9.41 -11.76 -6.87
N PHE A 57 -9.77 -11.51 -5.61
CA PHE A 57 -8.94 -11.99 -4.51
C PHE A 57 -9.48 -13.34 -4.10
N THR A 58 -8.89 -14.41 -4.64
CA THR A 58 -9.39 -15.77 -4.47
C THR A 58 -8.47 -16.66 -3.65
N GLU A 59 -7.17 -16.54 -3.82
CA GLU A 59 -6.22 -17.45 -3.17
C GLU A 59 -6.21 -17.24 -1.66
N ALA A 60 -5.92 -18.32 -0.94
CA ALA A 60 -5.75 -18.23 0.50
C ALA A 60 -4.39 -17.63 0.83
N ARG A 61 -4.35 -16.87 1.91
CA ARG A 61 -3.09 -16.26 2.33
C ARG A 61 -2.22 -17.30 3.03
N PRO A 62 -0.89 -17.11 3.01
CA PRO A 62 -0.04 -17.99 3.81
C PRO A 62 -0.43 -17.91 5.28
N ALA A 63 -0.31 -19.05 5.96
CA ALA A 63 -0.73 -19.11 7.36
C ALA A 63 0.13 -18.19 8.22
N ASN A 64 1.38 -17.95 7.83
CA ASN A 64 2.32 -17.15 8.60
C ASN A 64 2.77 -15.91 7.84
N ARG A 65 3.04 -14.86 8.61
CA ARG A 65 3.79 -13.70 8.13
C ARG A 65 5.14 -14.13 7.60
N ILE A 66 5.59 -13.47 6.54
CA ILE A 66 6.84 -13.79 5.86
C ILE A 66 7.73 -12.56 5.88
N PRO A 67 9.00 -12.66 6.32
CA PRO A 67 9.73 -13.86 6.74
C PRO A 67 9.67 -14.11 8.24
N ALA A 68 8.86 -13.37 9.01
CA ALA A 68 8.88 -13.53 10.47
C ALA A 68 8.43 -14.93 10.88
N ASN A 69 7.58 -15.56 10.05
CA ASN A 69 7.13 -16.93 10.26
C ASN A 69 6.35 -17.07 11.58
N SER A 70 5.39 -16.16 11.76
CA SER A 70 4.51 -16.11 12.92
C SER A 70 3.09 -15.93 12.41
N ALA A 71 2.12 -16.46 13.16
CA ALA A 71 0.72 -16.51 12.71
C ALA A 71 0.24 -15.19 12.11
N ARG A 72 -0.35 -15.30 10.92
CA ARG A 72 -0.88 -14.14 10.19
C ARG A 72 -2.24 -13.71 10.74
N ASN A 73 -2.39 -12.40 10.96
CA ASN A 73 -3.67 -11.78 11.34
C ASN A 73 -3.83 -10.52 10.48
N GLN A 74 -4.34 -10.70 9.26
CA GLN A 74 -4.27 -9.65 8.25
C GLN A 74 -5.25 -8.52 8.54
N LYS A 75 -4.74 -7.29 8.47
CA LYS A 75 -5.53 -6.08 8.59
C LYS A 75 -5.14 -5.15 7.45
N ALA A 76 -6.07 -4.29 7.03
CA ALA A 76 -5.79 -3.25 6.05
C ALA A 76 -5.47 -1.94 6.75
N ILE A 77 -4.78 -1.05 6.03
CA ILE A 77 -4.51 0.31 6.53
C ILE A 77 -5.48 1.26 5.85
N ALA A 78 -6.22 2.04 6.63
CA ALA A 78 -7.23 2.96 6.12
C ALA A 78 -6.84 4.40 6.39
N ILE A 79 -7.10 5.27 5.42
CA ILE A 79 -6.90 6.70 5.55
C ILE A 79 -8.20 7.39 5.22
N VAL A 80 -8.78 8.09 6.20
CA VAL A 80 -10.11 8.68 6.10
C VAL A 80 -9.93 10.15 5.77
N GLY A 81 -10.17 10.54 4.51
CA GLY A 81 -10.11 11.93 4.10
C GLY A 81 -11.38 12.72 4.25
N THR A 82 -12.51 12.04 4.44
CA THR A 82 -13.82 12.68 4.61
C THR A 82 -14.52 12.07 5.81
N SER A 83 -14.93 12.92 6.75
CA SER A 83 -15.70 12.55 7.92
C SER A 83 -16.68 13.67 8.21
N SER A 84 -17.88 13.33 8.70
CA SER A 84 -18.89 14.33 9.04
C SER A 84 -19.20 15.24 7.85
N ASN A 85 -19.23 14.66 6.65
CA ASN A 85 -19.45 15.41 5.42
C ASN A 85 -18.52 16.62 5.31
N THR A 86 -17.26 16.41 5.71
CA THR A 86 -16.22 17.43 5.65
C THR A 86 -14.99 16.83 4.97
N ASN A 87 -14.45 17.54 4.01
CA ASN A 87 -13.23 17.16 3.31
C ASN A 87 -12.02 17.72 4.09
N TYR A 88 -11.14 16.83 4.55
CA TYR A 88 -9.93 17.22 5.28
C TYR A 88 -8.75 17.16 4.33
N GLU A 89 -7.94 18.24 4.31
CA GLU A 89 -6.73 18.28 3.49
C GLU A 89 -5.61 17.51 4.17
N LEU A 90 -5.14 16.44 3.53
CA LEU A 90 -4.13 15.57 4.11
C LEU A 90 -2.99 15.34 3.13
N GLU A 91 -1.80 15.15 3.68
CA GLU A 91 -0.73 14.41 3.02
C GLU A 91 -0.27 13.35 4.01
N ALA A 92 -0.61 12.10 3.75
CA ALA A 92 -0.32 11.02 4.69
C ALA A 92 0.46 9.93 3.96
N TRP A 93 1.58 9.51 4.55
CA TRP A 93 2.42 8.48 3.95
C TRP A 93 2.31 7.18 4.73
N VAL A 94 2.20 6.07 4.01
CA VAL A 94 2.27 4.75 4.60
C VAL A 94 3.48 4.07 3.97
N THR A 95 4.54 3.94 4.74
CA THR A 95 5.79 3.41 4.23
C THR A 95 5.90 1.92 4.54
N MET A 96 6.43 1.17 3.58
CA MET A 96 6.73 -0.24 3.75
C MET A 96 8.09 -0.38 4.44
N PRO A 97 8.43 -1.58 4.91
CA PRO A 97 9.75 -1.76 5.52
C PRO A 97 10.87 -1.58 4.52
N ILE A 98 12.08 -1.37 5.05
CA ILE A 98 13.26 -1.25 4.21
C ILE A 98 13.75 -2.65 3.91
N ILE A 99 13.65 -3.07 2.65
CA ILE A 99 13.88 -4.47 2.27
C ILE A 99 15.07 -4.55 1.31
N ASP A 100 15.91 -5.56 1.50
CA ASP A 100 16.99 -5.86 0.56
C ASP A 100 16.41 -6.63 -0.62
N VAL A 101 16.36 -6.01 -1.80
CA VAL A 101 15.85 -6.72 -2.98
C VAL A 101 16.98 -7.22 -3.88
N SER A 102 18.22 -7.20 -3.39
CA SER A 102 19.34 -7.79 -4.11
C SER A 102 19.43 -9.28 -3.82
N LYS A 103 20.38 -9.95 -4.49
CA LYS A 103 20.61 -11.36 -4.25
C LYS A 103 21.28 -11.61 -2.90
N ASN A 104 21.76 -10.56 -2.23
CA ASN A 104 22.25 -10.71 -0.87
C ASN A 104 21.13 -11.02 0.11
N ASN A 105 19.88 -10.76 -0.26
CA ASN A 105 18.76 -11.26 0.51
C ASN A 105 18.82 -12.78 0.53
N GLN A 106 18.74 -13.35 1.73
CA GLN A 106 18.81 -14.81 1.86
C GLN A 106 17.67 -15.51 1.11
N TYR A 107 16.61 -14.79 0.79
CA TYR A 107 15.46 -15.38 0.12
C TYR A 107 15.42 -15.08 -1.37
N ILE A 108 16.42 -14.41 -1.91
CA ILE A 108 16.49 -14.06 -3.33
C ILE A 108 17.77 -14.64 -3.91
N ASN A 109 17.64 -15.41 -4.98
CA ASN A 109 18.77 -16.05 -5.63
C ASN A 109 19.00 -15.43 -7.01
N ALA A 110 20.22 -15.61 -7.52
CA ALA A 110 20.62 -14.95 -8.76
C ALA A 110 19.80 -15.41 -9.97
N ASP A 111 19.13 -16.55 -9.88
CA ASP A 111 18.31 -17.03 -10.99
C ASP A 111 16.87 -16.57 -10.89
N ASP A 112 16.51 -15.80 -9.86
CA ASP A 112 15.20 -15.15 -9.77
C ASP A 112 15.27 -13.94 -10.69
N THR A 113 14.91 -14.16 -11.95
CA THR A 113 15.11 -13.13 -12.96
C THR A 113 14.16 -11.94 -12.76
N PHE A 114 12.93 -12.20 -12.31
CA PHE A 114 11.93 -11.16 -12.18
C PHE A 114 11.48 -11.02 -10.73
N LYS A 115 11.22 -9.78 -10.33
CA LYS A 115 10.75 -9.45 -8.99
C LYS A 115 9.56 -8.53 -9.11
N TYR A 116 8.54 -8.77 -8.29
CA TYR A 116 7.30 -8.00 -8.32
C TYR A 116 6.84 -7.67 -6.90
N VAL A 117 6.11 -6.56 -6.77
CA VAL A 117 5.26 -6.31 -5.62
C VAL A 117 3.83 -6.26 -6.12
N SER A 118 2.96 -7.02 -5.50
CA SER A 118 1.52 -6.85 -5.69
C SER A 118 0.92 -6.27 -4.42
N PHE A 119 -0.08 -5.41 -4.60
CA PHE A 119 -0.79 -4.85 -3.46
C PHE A 119 -2.22 -4.57 -3.90
N TRP A 120 -3.08 -4.39 -2.90
CA TRP A 120 -4.51 -4.20 -3.13
C TRP A 120 -4.93 -2.88 -2.49
N THR A 121 -5.71 -2.10 -3.23
CA THR A 121 -6.22 -0.84 -2.70
C THR A 121 -7.71 -0.71 -2.98
N GLU A 122 -8.35 0.13 -2.19
CA GLU A 122 -9.78 0.38 -2.35
C GLU A 122 -10.06 1.83 -1.99
N GLN A 123 -10.99 2.47 -2.71
CA GLN A 123 -11.55 3.73 -2.26
C GLN A 123 -13.03 3.55 -1.98
N ARG A 124 -13.50 4.22 -0.94
CA ARG A 124 -14.91 4.30 -0.59
C ARG A 124 -15.31 5.77 -0.50
N TYR A 125 -16.38 6.15 -1.22
CA TYR A 125 -16.97 7.49 -1.15
C TYR A 125 -16.00 8.56 -1.64
N ALA A 126 -15.16 8.25 -2.62
CA ALA A 126 -14.29 9.24 -3.23
C ALA A 126 -14.84 9.61 -4.60
N ASN A 127 -15.13 10.90 -4.80
CA ASN A 127 -15.69 11.38 -6.06
C ASN A 127 -15.08 12.72 -6.41
N GLY A 128 -14.90 12.97 -7.71
CA GLY A 128 -14.50 14.28 -8.16
C GLY A 128 -13.02 14.47 -8.38
N GLY A 129 -12.20 13.48 -8.05
CA GLY A 129 -10.77 13.60 -8.32
C GLY A 129 -10.01 14.51 -7.38
N ILE A 130 -10.52 14.76 -6.17
CA ILE A 130 -9.86 15.66 -5.24
C ILE A 130 -9.01 14.93 -4.22
N SER A 131 -8.93 13.61 -4.31
CA SER A 131 -8.04 12.80 -3.49
C SER A 131 -7.38 11.75 -4.37
N SER A 132 -6.19 11.30 -3.95
CA SER A 132 -5.50 10.30 -4.73
C SER A 132 -4.55 9.49 -3.85
N LEU A 133 -4.23 8.30 -4.34
CA LEU A 133 -3.23 7.44 -3.73
C LEU A 133 -2.15 7.20 -4.77
N GLU A 134 -0.93 7.56 -4.42
CA GLU A 134 0.22 7.41 -5.31
C GLU A 134 1.23 6.47 -4.65
N VAL A 135 2.07 5.87 -5.49
CA VAL A 135 3.10 4.95 -5.02
C VAL A 135 4.48 5.47 -5.40
N PHE A 136 5.42 5.40 -4.46
CA PHE A 136 6.77 5.94 -4.64
C PHE A 136 7.78 4.91 -4.19
N ILE A 137 9.01 5.03 -4.72
CA ILE A 137 10.15 4.20 -4.33
C ILE A 137 11.28 5.11 -3.87
N SER A 138 11.89 4.76 -2.74
CA SER A 138 13.10 5.40 -2.24
C SER A 138 14.16 4.33 -2.03
N THR A 139 15.41 4.68 -2.32
CA THR A 139 16.52 3.80 -1.98
C THR A 139 17.46 4.44 -0.97
N ASP A 140 17.05 5.53 -0.33
CA ASP A 140 17.82 6.15 0.74
C ASP A 140 16.96 6.50 1.95
N TYR A 141 15.75 5.95 2.03
CA TYR A 141 14.89 6.17 3.19
C TYR A 141 15.43 5.43 4.41
N THR A 142 15.33 6.06 5.58
CA THR A 142 15.65 5.40 6.85
C THR A 142 14.49 5.52 7.83
N ASN A 143 14.06 6.75 8.15
CA ASN A 143 13.03 6.89 9.17
C ASN A 143 12.21 8.16 9.02
N ASN A 144 12.24 8.82 7.87
CA ASN A 144 11.54 10.09 7.70
C ASN A 144 11.32 10.32 6.22
N VAL A 145 10.05 10.48 5.80
CA VAL A 145 9.81 10.61 4.38
C VAL A 145 10.32 11.94 3.84
N THR A 146 10.47 12.94 4.70
CA THR A 146 10.90 14.25 4.23
C THR A 146 12.42 14.38 4.10
N THR A 147 13.18 13.38 4.56
CA THR A 147 14.63 13.40 4.42
C THR A 147 15.13 12.39 3.40
N ALA A 148 14.22 11.75 2.66
CA ALA A 148 14.51 10.76 1.62
C ALA A 148 14.14 11.29 0.25
N ASN A 149 14.78 10.74 -0.79
CA ASN A 149 14.40 11.00 -2.18
C ASN A 149 13.40 9.95 -2.64
N TRP A 150 12.37 10.41 -3.36
CA TRP A 150 11.29 9.54 -3.83
C TRP A 150 11.10 9.67 -5.33
N THR A 151 10.84 8.54 -5.98
CA THR A 151 10.52 8.47 -7.40
C THR A 151 9.07 8.01 -7.54
N ASN A 152 8.24 8.80 -8.22
CA ASN A 152 6.84 8.45 -8.42
C ASN A 152 6.72 7.32 -9.44
N VAL A 153 6.17 6.18 -9.01
CA VAL A 153 5.97 5.04 -9.90
C VAL A 153 4.49 4.69 -10.06
N THR A 154 3.60 5.64 -9.75
CA THR A 154 2.17 5.42 -9.93
C THR A 154 1.83 5.04 -11.36
N SER A 155 2.54 5.62 -12.33
CA SER A 155 2.26 5.31 -13.73
C SER A 155 2.67 3.89 -14.12
N ASN A 156 3.42 3.20 -13.27
CA ASN A 156 3.94 1.87 -13.61
C ASN A 156 3.07 0.73 -13.09
N VAL A 157 1.90 1.04 -12.51
CA VAL A 157 0.90 0.02 -12.20
C VAL A 157 -0.31 0.30 -13.08
N ASN A 158 -0.95 -0.77 -13.55
CA ASN A 158 -2.08 -0.60 -14.45
C ASN A 158 -3.36 -0.21 -13.72
N LYS A 159 -3.43 -0.47 -12.42
CA LYS A 159 -4.64 -0.26 -11.65
C LYS A 159 -4.25 0.16 -10.25
N ILE A 160 -4.95 1.16 -9.72
CA ILE A 160 -4.85 1.53 -8.31
C ILE A 160 -6.17 2.20 -7.94
N ALA A 161 -6.51 2.18 -6.65
CA ALA A 161 -7.73 2.84 -6.21
C ALA A 161 -7.73 4.31 -6.66
N THR A 162 -8.86 4.71 -7.24
CA THR A 162 -8.97 5.99 -7.96
C THR A 162 -10.33 6.60 -7.71
N SER A 163 -10.32 7.90 -7.38
CA SER A 163 -11.55 8.62 -7.12
C SER A 163 -12.55 8.45 -8.27
N GLY A 164 -13.80 8.15 -7.91
CA GLY A 164 -14.86 7.98 -8.89
C GLY A 164 -14.91 6.66 -9.61
N GLN A 165 -13.99 5.74 -9.33
CA GLN A 165 -13.87 4.49 -10.08
C GLN A 165 -13.94 3.31 -9.12
N ASN A 166 -14.66 2.26 -9.53
CA ASN A 166 -14.77 1.02 -8.78
C ASN A 166 -15.02 1.22 -7.28
N PRO A 167 -16.04 1.97 -6.92
CA PRO A 167 -16.28 2.24 -5.49
C PRO A 167 -16.44 0.98 -4.67
N GLN A 168 -15.87 1.01 -3.45
CA GLN A 168 -16.07 -0.05 -2.46
C GLN A 168 -15.60 -1.40 -2.98
N THR A 169 -14.56 -1.39 -3.82
CA THR A 169 -14.01 -2.57 -4.45
C THR A 169 -12.49 -2.55 -4.34
N TYR A 170 -11.92 -3.64 -3.80
CA TYR A 170 -10.47 -3.79 -3.77
C TYR A 170 -9.97 -4.15 -5.15
N VAL A 171 -8.95 -3.43 -5.62
CA VAL A 171 -8.34 -3.65 -6.92
C VAL A 171 -6.86 -3.92 -6.72
N GLU A 172 -6.28 -4.72 -7.61
CA GLU A 172 -4.92 -5.18 -7.47
C GLU A 172 -3.98 -4.38 -8.36
N SER A 173 -2.86 -3.95 -7.79
CA SER A 173 -1.74 -3.38 -8.52
C SER A 173 -0.61 -4.40 -8.61
N LEU A 174 0.13 -4.35 -9.71
CA LEU A 174 1.31 -5.20 -9.92
C LEU A 174 2.47 -4.31 -10.39
N LEU A 175 3.50 -4.20 -9.56
CA LEU A 175 4.64 -3.33 -9.81
C LEU A 175 5.87 -4.19 -10.10
N ASP A 176 6.47 -3.99 -11.26
CA ASP A 176 7.68 -4.71 -11.65
C ASP A 176 8.89 -4.00 -11.04
N ILE A 177 9.60 -4.69 -10.15
CA ILE A 177 10.80 -4.15 -9.52
C ILE A 177 12.01 -4.99 -9.90
N SER A 178 11.94 -5.69 -11.05
CA SER A 178 13.03 -6.56 -11.44
C SER A 178 14.35 -5.80 -11.62
N SER A 179 14.28 -4.54 -12.03
CA SER A 179 15.49 -3.76 -12.29
C SER A 179 16.16 -3.20 -11.04
N TYR A 180 15.56 -3.38 -9.87
CA TYR A 180 16.15 -2.88 -8.64
C TYR A 180 17.01 -3.95 -7.98
N THR A 181 18.20 -3.57 -7.54
CA THR A 181 19.05 -4.45 -6.75
C THR A 181 19.54 -3.76 -5.48
N ASP A 182 18.80 -2.76 -5.02
CA ASP A 182 19.24 -1.97 -3.90
C ASP A 182 19.09 -2.74 -2.59
N THR A 183 20.04 -2.52 -1.67
CA THR A 183 19.96 -3.19 -0.38
C THR A 183 18.94 -2.55 0.55
N ASN A 184 18.58 -1.27 0.32
CA ASN A 184 17.67 -0.52 1.19
C ASN A 184 16.51 0.02 0.35
N PHE A 185 15.60 -0.87 -0.06
CA PHE A 185 14.54 -0.56 -1.02
C PHE A 185 13.26 -0.28 -0.24
N THR A 186 12.73 0.94 -0.35
CA THR A 186 11.51 1.32 0.36
C THR A 186 10.40 1.73 -0.59
N LEU A 187 9.31 0.96 -0.59
CA LEU A 187 8.07 1.30 -1.27
C LEU A 187 7.20 2.09 -0.30
N ALA A 188 6.50 3.11 -0.80
CA ALA A 188 5.61 3.87 0.07
C ALA A 188 4.39 4.35 -0.69
N PHE A 189 3.32 4.59 0.06
CA PHE A 189 2.06 5.10 -0.47
C PHE A 189 1.84 6.50 0.06
N LYS A 190 1.46 7.42 -0.83
CA LYS A 190 1.19 8.81 -0.48
C LYS A 190 -0.27 9.13 -0.77
N TYR A 191 -1.04 9.40 0.28
CA TYR A 191 -2.41 9.88 0.15
C TYR A 191 -2.43 11.40 0.22
N THR A 192 -3.08 12.02 -0.76
CA THR A 192 -3.30 13.46 -0.77
C THR A 192 -4.77 13.75 -0.97
N SER A 193 -5.24 14.82 -0.34
CA SER A 193 -6.66 15.17 -0.38
C SER A 193 -6.80 16.67 -0.16
N ASP A 194 -7.98 17.23 -0.44
CA ASP A 194 -8.14 18.67 -0.24
C ASP A 194 -9.32 18.98 0.68
N ASN A 195 -9.65 20.27 0.77
CA ASN A 195 -10.70 20.70 1.68
C ASN A 195 -11.73 21.56 0.97
N SER A 196 -11.96 21.31 -0.32
CA SER A 196 -13.06 21.93 -1.04
C SER A 196 -14.40 21.47 -0.46
N THR A 197 -15.47 22.18 -0.83
CA THR A 197 -16.77 21.92 -0.23
C THR A 197 -17.27 20.52 -0.55
N TYR A 198 -17.75 19.83 0.49
CA TYR A 198 -18.22 18.46 0.34
C TYR A 198 -19.50 18.39 -0.48
N SER A 199 -19.57 17.39 -1.36
CA SER A 199 -20.82 16.96 -1.97
C SER A 199 -20.62 15.50 -2.39
N GLY A 200 -21.72 14.87 -2.79
CA GLY A 200 -21.63 13.49 -3.26
C GLY A 200 -20.78 13.33 -4.50
N SER A 201 -20.53 14.42 -5.24
CA SER A 201 -19.68 14.37 -6.43
C SER A 201 -18.31 15.01 -6.20
N ASN A 202 -18.01 15.42 -4.97
CA ASN A 202 -16.79 16.16 -4.65
C ASN A 202 -16.40 15.82 -3.21
N ARG A 203 -15.68 14.71 -3.02
CA ARG A 203 -15.37 14.26 -1.67
C ARG A 203 -14.14 13.36 -1.70
N ASN A 204 -13.35 13.44 -0.62
CA ASN A 204 -12.05 12.76 -0.56
C ASN A 204 -12.19 11.26 -0.38
N GLY A 205 -13.17 10.83 0.41
CA GLY A 205 -13.37 9.43 0.68
C GLY A 205 -12.32 8.81 1.59
N THR A 206 -12.46 7.50 1.73
CA THR A 206 -11.54 6.68 2.53
C THR A 206 -10.83 5.70 1.60
N PHE A 207 -9.50 5.62 1.71
CA PHE A 207 -8.73 4.67 0.92
C PHE A 207 -8.11 3.61 1.82
N TYR A 208 -7.99 2.39 1.26
CA TYR A 208 -7.46 1.22 1.96
C TYR A 208 -6.26 0.69 1.23
N ILE A 209 -5.27 0.21 2.00
CA ILE A 209 -4.08 -0.46 1.48
C ILE A 209 -3.98 -1.82 2.16
N SER A 210 -3.80 -2.87 1.36
CA SER A 210 -3.80 -4.21 1.93
C SER A 210 -2.89 -5.15 1.14
N ASP A 211 -2.36 -6.15 1.83
CA ASP A 211 -1.77 -7.35 1.23
C ASP A 211 -0.65 -6.98 0.25
N VAL A 212 0.41 -6.39 0.81
CA VAL A 212 1.58 -5.99 0.04
C VAL A 212 2.57 -7.15 0.03
N LYS A 213 2.69 -7.80 -1.12
CA LYS A 213 3.41 -9.07 -1.28
C LYS A 213 4.57 -8.87 -2.23
N TYR A 214 5.79 -9.10 -1.74
CA TYR A 214 6.99 -9.07 -2.55
C TYR A 214 7.34 -10.50 -2.94
N PHE A 215 7.58 -10.73 -4.24
CA PHE A 215 7.80 -12.10 -4.70
C PHE A 215 8.62 -12.11 -5.98
N VAL A 216 9.15 -13.28 -6.32
CA VAL A 216 9.96 -13.43 -7.52
C VAL A 216 9.20 -14.27 -8.55
N SER A 217 9.70 -14.25 -9.79
CA SER A 217 9.14 -15.08 -10.85
C SER A 217 10.24 -15.46 -11.84
N ASP A 218 10.13 -16.67 -12.39
CA ASP A 218 11.03 -17.09 -13.45
C ASP A 218 10.64 -16.51 -14.81
N THR A 219 9.36 -16.19 -14.99
CA THR A 219 8.87 -15.67 -16.25
C THR A 219 8.09 -14.38 -16.02
N THR A 220 8.03 -13.54 -17.05
CA THR A 220 7.36 -12.26 -16.94
C THR A 220 5.89 -12.43 -16.58
N LEU A 221 5.34 -11.40 -15.95
CA LEU A 221 3.97 -11.47 -15.46
C LEU A 221 3.12 -10.35 -16.05
#